data_1NI5
#
_entry.id   1NI5
#
_cell.length_a   67.508
_cell.length_b   67.508
_cell.length_c   204.678
_cell.angle_alpha   90.00
_cell.angle_beta   90.00
_cell.angle_gamma   120.00
#
_symmetry.space_group_name_H-M   'P 31 2 1'
#
loop_
_entity.id
_entity.type
_entity.pdbx_description
1 polymer 'Putative cell cycle protein mesJ'
2 water water
#
_entity_poly.entity_id   1
_entity_poly.type   'polypeptide(L)'
_entity_poly.pdbx_seq_one_letter_code
;S(MSE)TLTLNRQLLTSRQILVAFSGGLDSTVLLHQLVQWRTENPGVALRAIHVHHGLSANADAWVTHCENVCQQWQVPL
VVERVQLAQEGLGIEAQARQARYQAFARTLLPGEVLVTAQHLDDQCETFLLALKRGSGPAGLSA(MSE)AEVSEFAGTRL
IRPLLARTRGELVQWARQYDLRWIEDESNQDDSYDRNFLRLRVVPLLQQRWPHFAEATARSAALCAEQESLLDELLADDL
AHCQSPQGTLQIVP(MSE)LA(MSE)SDARRAAIIRRWLAGQNAP(MSE)PSRDALVRIWQEVALAREDASPCLRLGAFE
IRRYQSQLWWIKSVTGQSENIVPWQTWLQPLELPAGLGSVQLNAGGDIRPPRADEAVSVRFKAPGLLHIVGRNGGRKLKK
IWQELGVPPWLRDTTPLLFYGETLIAAAGVFVTQEGVAEGENGVSFVWQKTLS
;
_entity_poly.pdbx_strand_id   A
#
# COMPACT_ATOMS: atom_id res chain seq x y z
N SER A 1 9.50 -29.36 16.99
CA SER A 1 10.08 -27.98 16.99
C SER A 1 9.21 -27.00 16.20
N MSE A 2 8.27 -27.51 15.41
CA MSE A 2 7.40 -26.63 14.66
C MSE A 2 6.42 -25.95 15.59
O MSE A 2 5.91 -24.86 15.30
CB MSE A 2 6.65 -27.42 13.58
CG MSE A 2 7.50 -27.72 12.37
SE MSE A 2 6.46 -28.22 10.83
CE MSE A 2 6.43 -30.15 11.12
N THR A 3 6.15 -26.60 16.71
CA THR A 3 5.24 -26.04 17.70
C THR A 3 6.07 -25.00 18.45
N LEU A 4 7.30 -25.36 18.77
CA LEU A 4 8.21 -24.46 19.47
C LEU A 4 8.29 -23.18 18.64
N THR A 5 8.60 -23.37 17.36
CA THR A 5 8.73 -22.29 16.39
C THR A 5 7.46 -21.44 16.30
N LEU A 6 6.32 -22.11 16.36
CA LEU A 6 5.03 -21.44 16.29
C LEU A 6 4.80 -20.41 17.38
N ASN A 7 4.97 -20.82 18.63
CA ASN A 7 4.72 -19.93 19.76
C ASN A 7 5.65 -18.73 19.83
N ARG A 8 6.90 -18.91 19.45
CA ARG A 8 7.86 -17.80 19.47
C ARG A 8 7.41 -16.70 18.52
N GLN A 9 6.96 -17.11 17.34
CA GLN A 9 6.51 -16.17 16.32
C GLN A 9 5.11 -15.62 16.62
N LEU A 10 4.37 -16.29 17.48
CA LEU A 10 3.02 -15.83 17.79
C LEU A 10 2.81 -15.24 19.18
N LEU A 11 3.88 -15.08 19.94
CA LEU A 11 3.78 -14.48 21.28
C LEU A 11 3.08 -13.12 21.25
N THR A 12 3.54 -12.23 20.37
CA THR A 12 2.96 -10.91 20.26
C THR A 12 1.61 -10.88 19.58
N SER A 13 0.89 -12.00 19.63
CA SER A 13 -0.43 -12.09 19.01
C SER A 13 -1.44 -12.87 19.84
N ARG A 14 -2.69 -12.42 19.81
CA ARG A 14 -3.77 -13.08 20.55
C ARG A 14 -4.87 -13.56 19.63
N GLN A 15 -5.13 -12.80 18.58
CA GLN A 15 -6.18 -13.17 17.62
C GLN A 15 -5.60 -13.48 16.24
N ILE A 16 -5.70 -14.73 15.83
CA ILE A 16 -5.16 -15.16 14.55
C ILE A 16 -6.26 -15.47 13.57
N LEU A 17 -5.94 -15.32 12.29
CA LEU A 17 -6.85 -15.61 11.19
C LEU A 17 -5.95 -16.28 10.14
N VAL A 18 -6.15 -17.58 9.91
CA VAL A 18 -5.32 -18.30 8.96
C VAL A 18 -5.94 -18.55 7.58
N ALA A 19 -5.23 -18.14 6.54
CA ALA A 19 -5.69 -18.33 5.16
C ALA A 19 -5.72 -19.83 5.03
N PHE A 20 -6.93 -20.40 4.98
CA PHE A 20 -7.05 -21.84 4.92
C PHE A 20 -7.59 -22.48 3.66
N SER A 21 -6.71 -22.93 2.79
CA SER A 21 -7.13 -23.64 1.58
C SER A 21 -7.05 -25.06 2.11
N GLY A 22 -7.78 -26.00 1.52
CA GLY A 22 -7.73 -27.35 2.04
C GLY A 22 -6.36 -28.00 2.12
N GLY A 23 -5.40 -27.48 1.36
CA GLY A 23 -4.06 -28.03 1.30
C GLY A 23 -3.23 -28.38 2.53
N LEU A 24 -2.16 -29.13 2.27
CA LEU A 24 -1.22 -29.58 3.29
C LEU A 24 -0.79 -28.43 4.19
N ASP A 25 0.04 -27.55 3.65
CA ASP A 25 0.56 -26.42 4.39
C ASP A 25 -0.46 -25.73 5.28
N SER A 26 -1.65 -25.47 4.73
CA SER A 26 -2.71 -24.82 5.50
C SER A 26 -3.19 -25.77 6.59
N THR A 27 -3.41 -27.03 6.20
CA THR A 27 -3.89 -28.05 7.11
C THR A 27 -2.94 -28.26 8.26
N VAL A 28 -1.64 -28.26 7.95
CA VAL A 28 -0.61 -28.44 8.96
C VAL A 28 -0.50 -27.18 9.83
N LEU A 29 -0.64 -26.01 9.21
CA LEU A 29 -0.55 -24.76 9.94
C LEU A 29 -1.74 -24.62 10.88
N LEU A 30 -2.93 -24.87 10.36
CA LEU A 30 -4.15 -24.78 11.15
C LEU A 30 -4.21 -25.81 12.29
N HIS A 31 -3.87 -27.07 12.01
CA HIS A 31 -3.90 -28.09 13.06
C HIS A 31 -2.98 -27.66 14.18
N GLN A 32 -1.83 -27.10 13.80
CA GLN A 32 -0.84 -26.63 14.76
C GLN A 32 -1.35 -25.47 15.59
N LEU A 33 -2.18 -24.63 14.97
CA LEU A 33 -2.75 -23.48 15.67
C LEU A 33 -3.84 -23.91 16.64
N VAL A 34 -4.64 -24.91 16.25
CA VAL A 34 -5.71 -25.42 17.10
C VAL A 34 -5.02 -26.14 18.26
N GLN A 35 -3.80 -26.58 17.98
CA GLN A 35 -2.97 -27.28 18.95
C GLN A 35 -2.49 -26.19 19.91
N TRP A 36 -2.09 -25.08 19.32
CA TRP A 36 -1.58 -23.91 20.02
C TRP A 36 -2.63 -23.24 20.91
N ARG A 37 -3.86 -23.20 20.42
CA ARG A 37 -4.96 -22.61 21.17
C ARG A 37 -5.22 -23.37 22.46
N THR A 38 -5.21 -24.70 22.35
CA THR A 38 -5.45 -25.57 23.49
C THR A 38 -4.38 -25.38 24.55
N GLU A 39 -3.28 -24.73 24.18
CA GLU A 39 -2.19 -24.51 25.12
C GLU A 39 -2.15 -23.07 25.66
N ASN A 40 -2.89 -22.18 25.03
CA ASN A 40 -2.95 -20.77 25.46
C ASN A 40 -4.40 -20.31 25.56
N PRO A 41 -5.05 -20.60 26.71
CA PRO A 41 -6.45 -20.21 26.96
C PRO A 41 -6.71 -18.73 26.71
N GLY A 42 -7.82 -18.44 26.06
CA GLY A 42 -8.14 -17.05 25.79
C GLY A 42 -7.67 -16.62 24.42
N VAL A 43 -6.91 -17.49 23.75
CA VAL A 43 -6.43 -17.18 22.41
C VAL A 43 -7.50 -17.56 21.39
N ALA A 44 -8.00 -16.55 20.67
CA ALA A 44 -9.03 -16.76 19.65
C ALA A 44 -8.38 -17.05 18.30
N LEU A 45 -8.99 -17.96 17.55
CA LEU A 45 -8.46 -18.36 16.25
C LEU A 45 -9.55 -18.43 15.18
N ARG A 46 -9.29 -17.86 14.01
CA ARG A 46 -10.26 -17.90 12.93
C ARG A 46 -9.62 -18.37 11.63
N ALA A 47 -10.39 -19.03 10.79
CA ALA A 47 -9.87 -19.51 9.52
C ALA A 47 -10.69 -18.94 8.38
N ILE A 48 -10.07 -18.78 7.22
CA ILE A 48 -10.78 -18.23 6.08
C ILE A 48 -10.40 -18.88 4.75
N HIS A 49 -11.36 -19.57 4.14
CA HIS A 49 -11.14 -20.21 2.85
C HIS A 49 -11.63 -19.22 1.80
N VAL A 50 -10.82 -19.00 0.78
CA VAL A 50 -11.19 -18.08 -0.27
C VAL A 50 -11.53 -18.82 -1.55
N HIS A 51 -12.82 -18.92 -1.84
CA HIS A 51 -13.32 -19.59 -3.04
C HIS A 51 -13.33 -18.63 -4.21
N HIS A 52 -12.43 -18.85 -5.16
CA HIS A 52 -12.35 -17.98 -6.33
C HIS A 52 -12.18 -18.77 -7.62
N GLY A 53 -12.64 -18.19 -8.72
CA GLY A 53 -12.52 -18.86 -10.01
C GLY A 53 -13.42 -20.07 -10.16
N LEU A 54 -13.51 -20.57 -11.39
CA LEU A 54 -14.35 -21.72 -11.70
C LEU A 54 -13.55 -23.02 -11.71
N SER A 55 -13.20 -23.51 -10.53
CA SER A 55 -12.45 -24.75 -10.40
C SER A 55 -13.42 -25.94 -10.44
N ALA A 56 -12.89 -27.10 -10.81
CA ALA A 56 -13.69 -28.32 -10.88
C ALA A 56 -14.24 -28.71 -9.52
N ASN A 57 -13.44 -28.49 -8.48
CA ASN A 57 -13.85 -28.83 -7.12
C ASN A 57 -13.99 -27.59 -6.24
N ALA A 58 -13.91 -26.41 -6.86
CA ALA A 58 -14.02 -25.17 -6.13
C ALA A 58 -15.07 -25.26 -5.01
N ASP A 59 -16.21 -25.88 -5.31
CA ASP A 59 -17.28 -26.02 -4.33
C ASP A 59 -17.01 -27.11 -3.29
N ALA A 60 -16.35 -28.19 -3.71
CA ALA A 60 -16.03 -29.29 -2.81
C ALA A 60 -14.97 -28.88 -1.81
N TRP A 61 -13.97 -28.15 -2.27
CA TRP A 61 -12.90 -27.68 -1.39
C TRP A 61 -13.52 -26.91 -0.23
N VAL A 62 -14.48 -26.06 -0.55
CA VAL A 62 -15.17 -25.27 0.48
C VAL A 62 -15.75 -26.22 1.51
N THR A 63 -16.52 -27.21 1.05
CA THR A 63 -17.16 -28.19 1.91
C THR A 63 -16.14 -28.89 2.79
N HIS A 64 -15.02 -29.28 2.21
CA HIS A 64 -13.97 -29.96 2.96
C HIS A 64 -13.48 -29.06 4.09
N CYS A 65 -13.32 -27.77 3.79
CA CYS A 65 -12.86 -26.80 4.77
C CYS A 65 -13.87 -26.55 5.88
N GLU A 66 -15.14 -26.72 5.57
CA GLU A 66 -16.18 -26.51 6.56
C GLU A 66 -16.20 -27.66 7.56
N ASN A 67 -15.90 -28.87 7.08
CA ASN A 67 -15.89 -30.03 7.95
C ASN A 67 -14.68 -30.00 8.88
N VAL A 68 -13.51 -29.77 8.33
CA VAL A 68 -12.29 -29.71 9.13
C VAL A 68 -12.34 -28.66 10.23
N CYS A 69 -12.75 -27.44 9.88
CA CYS A 69 -12.83 -26.38 10.87
C CYS A 69 -13.77 -26.76 11.99
N GLN A 70 -14.94 -27.26 11.62
CA GLN A 70 -15.95 -27.66 12.60
C GLN A 70 -15.45 -28.82 13.45
N GLN A 71 -14.86 -29.82 12.80
CA GLN A 71 -14.31 -30.97 13.50
C GLN A 71 -13.28 -30.46 14.50
N TRP A 72 -12.75 -29.27 14.22
CA TRP A 72 -11.75 -28.66 15.07
C TRP A 72 -12.25 -27.45 15.85
N GLN A 73 -13.54 -27.16 15.76
CA GLN A 73 -14.10 -26.03 16.50
C GLN A 73 -13.39 -24.71 16.15
N VAL A 74 -13.50 -24.30 14.89
CA VAL A 74 -12.88 -23.05 14.43
C VAL A 74 -13.81 -22.30 13.49
N PRO A 75 -14.18 -21.06 13.85
CA PRO A 75 -15.06 -20.32 12.94
C PRO A 75 -14.42 -20.27 11.57
N LEU A 76 -15.22 -20.16 10.52
CA LEU A 76 -14.67 -20.15 9.17
C LEU A 76 -15.37 -19.20 8.21
N VAL A 77 -14.68 -18.14 7.85
CA VAL A 77 -15.24 -17.19 6.90
C VAL A 77 -14.95 -17.81 5.53
N VAL A 78 -15.89 -17.71 4.59
CA VAL A 78 -15.70 -18.29 3.26
C VAL A 78 -16.01 -17.31 2.13
N GLU A 79 -15.05 -16.44 1.81
CA GLU A 79 -15.23 -15.46 0.75
C GLU A 79 -15.27 -16.12 -0.62
N ARG A 80 -16.25 -15.77 -1.43
CA ARG A 80 -16.40 -16.34 -2.77
C ARG A 80 -15.95 -15.44 -3.91
N VAL A 81 -15.18 -14.40 -3.59
CA VAL A 81 -14.69 -13.46 -4.59
C VAL A 81 -14.37 -14.10 -5.94
N GLN A 82 -14.78 -13.43 -7.02
CA GLN A 82 -14.55 -13.94 -8.37
C GLN A 82 -14.06 -12.82 -9.32
N LEU A 83 -13.01 -13.11 -10.07
CA LEU A 83 -12.45 -12.14 -11.01
C LEU A 83 -11.41 -12.75 -11.94
N ALA A 84 -11.61 -12.53 -13.24
CA ALA A 84 -10.72 -13.03 -14.28
C ALA A 84 -11.23 -12.48 -15.62
N GLN A 85 -10.41 -11.67 -16.29
CA GLN A 85 -10.80 -11.08 -17.57
C GLN A 85 -9.74 -11.13 -18.67
N GLU A 86 -9.18 -12.32 -18.92
CA GLU A 86 -8.17 -12.50 -19.97
C GLU A 86 -6.83 -11.79 -19.69
N GLY A 87 -6.81 -10.94 -18.66
CA GLY A 87 -5.59 -10.21 -18.32
C GLY A 87 -4.55 -11.06 -17.60
N LEU A 88 -4.11 -10.59 -16.45
CA LEU A 88 -3.11 -11.31 -15.64
C LEU A 88 -3.77 -12.51 -14.97
N GLY A 89 -3.35 -13.71 -15.38
CA GLY A 89 -3.92 -14.94 -14.85
C GLY A 89 -3.99 -15.10 -13.34
N ILE A 90 -4.02 -16.35 -12.91
CA ILE A 90 -4.09 -16.71 -11.50
C ILE A 90 -3.01 -16.04 -10.65
N GLU A 91 -1.74 -16.25 -11.03
CA GLU A 91 -0.61 -15.69 -10.31
C GLU A 91 -0.56 -14.16 -10.32
N ALA A 92 -1.74 -13.54 -10.27
CA ALA A 92 -1.83 -12.07 -10.28
C ALA A 92 -3.25 -11.64 -9.94
N GLN A 93 -4.17 -11.92 -10.84
CA GLN A 93 -5.57 -11.56 -10.65
C GLN A 93 -6.06 -12.04 -9.28
N ALA A 94 -6.07 -13.37 -9.12
CA ALA A 94 -6.52 -14.01 -7.89
C ALA A 94 -5.74 -13.60 -6.63
N ARG A 95 -4.41 -13.64 -6.70
CA ARG A 95 -3.60 -13.26 -5.54
C ARG A 95 -4.06 -11.94 -4.95
N GLN A 96 -4.48 -11.01 -5.80
CA GLN A 96 -4.95 -9.72 -5.30
C GLN A 96 -6.30 -9.89 -4.62
N ALA A 97 -7.22 -10.55 -5.33
CA ALA A 97 -8.56 -10.78 -4.81
C ALA A 97 -8.50 -11.48 -3.45
N ARG A 98 -7.58 -12.44 -3.33
CA ARG A 98 -7.42 -13.19 -2.09
C ARG A 98 -6.96 -12.28 -0.96
N TYR A 99 -5.87 -11.55 -1.17
CA TYR A 99 -5.37 -10.67 -0.14
C TYR A 99 -6.38 -9.58 0.20
N GLN A 100 -7.19 -9.23 -0.78
CA GLN A 100 -8.23 -8.24 -0.54
C GLN A 100 -9.25 -8.96 0.35
N ALA A 101 -9.58 -10.19 -0.03
CA ALA A 101 -10.52 -10.99 0.74
C ALA A 101 -10.03 -11.11 2.19
N PHE A 102 -8.71 -11.26 2.34
CA PHE A 102 -8.13 -11.35 3.67
C PHE A 102 -8.32 -10.01 4.34
N ALA A 103 -8.02 -8.95 3.61
CA ALA A 103 -8.14 -7.59 4.13
C ALA A 103 -9.55 -7.32 4.61
N ARG A 104 -10.50 -7.58 3.71
CA ARG A 104 -11.92 -7.38 3.99
C ARG A 104 -12.34 -8.08 5.29
N THR A 105 -12.27 -9.41 5.28
CA THR A 105 -12.67 -10.22 6.43
C THR A 105 -11.69 -10.35 7.57
N LEU A 106 -11.03 -9.26 7.93
CA LEU A 106 -10.06 -9.33 9.02
C LEU A 106 -10.37 -8.35 10.15
N LEU A 107 -10.54 -8.88 11.36
CA LEU A 107 -10.85 -8.04 12.52
C LEU A 107 -9.66 -7.22 12.97
N PRO A 108 -9.92 -6.13 13.70
CA PRO A 108 -8.85 -5.25 14.20
C PRO A 108 -8.16 -5.86 15.42
N GLY A 109 -6.84 -5.99 15.32
CA GLY A 109 -6.04 -6.58 16.39
C GLY A 109 -5.75 -8.03 16.08
N GLU A 110 -6.40 -8.51 15.02
CA GLU A 110 -6.24 -9.88 14.58
C GLU A 110 -5.04 -9.95 13.65
N VAL A 111 -4.21 -10.98 13.83
CA VAL A 111 -3.03 -11.18 13.01
C VAL A 111 -3.27 -12.21 11.91
N LEU A 112 -3.03 -11.83 10.67
CA LEU A 112 -3.18 -12.75 9.55
C LEU A 112 -1.96 -13.65 9.50
N VAL A 113 -2.21 -14.96 9.39
CA VAL A 113 -1.15 -15.96 9.32
C VAL A 113 -1.34 -16.82 8.07
N THR A 114 -0.28 -17.02 7.30
CA THR A 114 -0.37 -17.84 6.09
C THR A 114 0.55 -19.04 6.18
N ALA A 115 0.27 -20.06 5.38
CA ALA A 115 1.07 -21.29 5.39
C ALA A 115 2.06 -21.37 4.24
N GLN A 116 2.83 -20.31 4.05
CA GLN A 116 3.84 -20.28 2.98
C GLN A 116 5.12 -20.89 3.53
N HIS A 117 5.67 -21.87 2.82
CA HIS A 117 6.89 -22.52 3.28
C HIS A 117 8.09 -22.40 2.34
N LEU A 118 9.17 -23.08 2.74
CA LEU A 118 10.43 -23.09 2.01
C LEU A 118 10.32 -23.05 0.50
N ASP A 119 9.53 -23.96 -0.06
CA ASP A 119 9.35 -24.01 -1.52
C ASP A 119 8.88 -22.67 -2.07
N ASP A 120 8.10 -21.94 -1.27
CA ASP A 120 7.61 -20.65 -1.69
C ASP A 120 8.74 -19.62 -1.66
N GLN A 121 9.65 -19.78 -0.70
CA GLN A 121 10.80 -18.90 -0.59
C GLN A 121 11.64 -19.03 -1.84
N CYS A 122 11.79 -20.28 -2.28
CA CYS A 122 12.58 -20.58 -3.47
C CYS A 122 11.92 -19.99 -4.71
N GLU A 123 10.61 -20.18 -4.81
CA GLU A 123 9.83 -19.69 -5.94
C GLU A 123 9.86 -18.16 -6.00
N THR A 124 9.73 -17.52 -4.85
CA THR A 124 9.76 -16.07 -4.77
C THR A 124 11.11 -15.57 -5.23
N PHE A 125 12.16 -16.26 -4.76
CA PHE A 125 13.52 -15.89 -5.11
C PHE A 125 13.69 -15.95 -6.61
N LEU A 126 13.40 -17.12 -7.17
CA LEU A 126 13.53 -17.31 -8.60
C LEU A 126 12.77 -16.24 -9.36
N LEU A 127 11.53 -15.97 -8.99
CA LEU A 127 10.78 -14.95 -9.70
C LEU A 127 11.46 -13.62 -9.61
N ALA A 128 12.04 -13.32 -8.45
CA ALA A 128 12.74 -12.05 -8.30
C ALA A 128 13.95 -12.06 -9.22
N LEU A 129 14.63 -13.21 -9.26
CA LEU A 129 15.82 -13.39 -10.09
C LEU A 129 15.52 -13.16 -11.57
N LYS A 130 14.47 -13.83 -12.05
CA LYS A 130 14.05 -13.75 -13.44
C LYS A 130 13.53 -12.35 -13.75
N ARG A 131 13.62 -11.48 -12.76
CA ARG A 131 13.18 -10.11 -12.92
C ARG A 131 14.44 -9.27 -12.83
N GLY A 132 15.54 -9.96 -12.53
CA GLY A 132 16.83 -9.32 -12.40
C GLY A 132 16.90 -8.33 -11.25
N SER A 133 16.26 -8.65 -10.15
CA SER A 133 16.26 -7.74 -9.01
C SER A 133 17.51 -7.91 -8.14
N GLY A 134 17.84 -6.86 -7.42
CA GLY A 134 19.01 -6.89 -6.55
C GLY A 134 18.73 -7.50 -5.18
N PRO A 135 19.68 -7.34 -4.25
CA PRO A 135 19.52 -7.88 -2.91
C PRO A 135 18.21 -7.54 -2.19
N ALA A 136 17.73 -6.32 -2.32
CA ALA A 136 16.48 -5.94 -1.67
C ALA A 136 15.32 -6.85 -2.17
N GLY A 137 15.18 -6.99 -3.48
CA GLY A 137 14.14 -7.83 -4.02
C GLY A 137 14.41 -9.33 -3.89
N LEU A 138 15.66 -9.70 -3.62
CA LEU A 138 16.01 -11.11 -3.50
C LEU A 138 15.95 -11.58 -2.07
N SER A 139 15.48 -10.73 -1.18
CA SER A 139 15.34 -11.12 0.23
C SER A 139 14.03 -11.93 0.34
N ALA A 140 13.34 -12.00 -0.80
CA ALA A 140 12.09 -12.73 -0.98
C ALA A 140 10.97 -12.45 0.06
N MSE A 141 10.81 -13.32 1.06
CA MSE A 141 9.77 -13.10 2.07
C MSE A 141 10.28 -12.95 3.50
O MSE A 141 11.34 -13.46 3.86
CB MSE A 141 8.74 -14.23 2.01
CG MSE A 141 7.94 -14.25 0.72
SE MSE A 141 6.40 -15.43 0.71
CE MSE A 141 7.32 -17.11 0.45
N ALA A 142 9.50 -12.24 4.31
CA ALA A 142 9.85 -12.00 5.70
C ALA A 142 8.90 -12.76 6.63
N GLU A 143 9.42 -13.17 7.77
CA GLU A 143 8.63 -13.91 8.74
C GLU A 143 7.50 -13.04 9.24
N VAL A 144 7.73 -11.72 9.26
CA VAL A 144 6.70 -10.78 9.70
C VAL A 144 6.69 -9.51 8.85
N SER A 145 5.54 -9.21 8.25
CA SER A 145 5.40 -8.02 7.42
C SER A 145 4.10 -7.31 7.77
N GLU A 146 3.92 -6.11 7.25
CA GLU A 146 2.71 -5.36 7.53
C GLU A 146 1.70 -5.56 6.42
N PHE A 147 0.46 -5.84 6.83
CA PHE A 147 -0.61 -6.07 5.89
C PHE A 147 -1.93 -5.54 6.45
N ALA A 148 -2.59 -4.69 5.65
CA ALA A 148 -3.87 -4.09 6.01
C ALA A 148 -3.89 -3.61 7.46
N GLY A 149 -3.01 -2.66 7.77
CA GLY A 149 -2.96 -2.13 9.12
C GLY A 149 -2.23 -3.00 10.10
N THR A 150 -2.44 -4.31 10.02
CA THR A 150 -1.81 -5.25 10.94
C THR A 150 -0.62 -6.00 10.33
N ARG A 151 -0.17 -7.04 11.02
CA ARG A 151 0.95 -7.85 10.59
C ARG A 151 0.52 -9.13 9.88
N LEU A 152 1.40 -9.61 8.99
CA LEU A 152 1.17 -10.86 8.29
C LEU A 152 2.33 -11.78 8.68
N ILE A 153 2.06 -12.76 9.55
CA ILE A 153 3.07 -13.70 10.01
C ILE A 153 3.06 -15.00 9.18
N ARG A 154 4.25 -15.51 8.89
CA ARG A 154 4.43 -16.72 8.08
C ARG A 154 5.31 -17.69 8.84
N PRO A 155 4.74 -18.48 9.76
CA PRO A 155 5.54 -19.44 10.54
C PRO A 155 6.35 -20.48 9.74
N LEU A 156 5.65 -21.35 9.03
CA LEU A 156 6.28 -22.42 8.25
C LEU A 156 7.19 -21.97 7.11
N LEU A 157 7.65 -20.73 7.15
CA LEU A 157 8.49 -20.22 6.08
C LEU A 157 9.81 -20.95 5.87
N ALA A 158 10.37 -21.48 6.96
CA ALA A 158 11.63 -22.20 6.90
C ALA A 158 11.52 -23.71 6.71
N ARG A 159 10.34 -24.25 7.04
CA ARG A 159 10.04 -25.67 6.94
C ARG A 159 9.93 -26.19 5.51
N THR A 160 10.40 -27.42 5.30
CA THR A 160 10.38 -28.07 3.98
C THR A 160 9.09 -28.85 3.79
N ARG A 161 8.66 -29.04 2.54
CA ARG A 161 7.43 -29.77 2.31
C ARG A 161 7.57 -31.13 2.95
N GLY A 162 8.80 -31.63 2.96
CA GLY A 162 9.04 -32.91 3.60
C GLY A 162 8.57 -32.82 5.04
N GLU A 163 9.12 -31.87 5.78
CA GLU A 163 8.76 -31.67 7.20
C GLU A 163 7.25 -31.57 7.42
N LEU A 164 6.58 -30.84 6.54
CA LEU A 164 5.14 -30.66 6.62
C LEU A 164 4.41 -31.97 6.37
N VAL A 165 4.91 -32.77 5.44
CA VAL A 165 4.29 -34.05 5.15
C VAL A 165 4.47 -34.96 6.35
N GLN A 166 5.67 -34.96 6.90
CA GLN A 166 5.98 -35.77 8.06
C GLN A 166 5.11 -35.43 9.27
N TRP A 167 4.62 -34.19 9.32
CA TRP A 167 3.77 -33.78 10.43
C TRP A 167 2.32 -34.12 10.12
N ALA A 168 1.81 -33.58 9.02
CA ALA A 168 0.43 -33.84 8.63
C ALA A 168 0.13 -35.33 8.67
N ARG A 169 1.16 -36.13 8.45
CA ARG A 169 1.02 -37.57 8.44
C ARG A 169 1.07 -38.18 9.84
N GLN A 170 1.95 -37.62 10.69
CA GLN A 170 2.10 -38.11 12.04
C GLN A 170 0.86 -37.87 12.88
N TYR A 171 0.00 -36.95 12.46
CA TYR A 171 -1.21 -36.68 13.21
C TYR A 171 -2.44 -37.04 12.39
N ASP A 172 -2.22 -37.88 11.37
CA ASP A 172 -3.28 -38.36 10.48
C ASP A 172 -4.24 -37.29 10.02
N LEU A 173 -3.70 -36.21 9.48
CA LEU A 173 -4.52 -35.11 8.98
C LEU A 173 -4.85 -35.42 7.52
N ARG A 174 -6.08 -35.13 7.10
CA ARG A 174 -6.47 -35.38 5.73
C ARG A 174 -6.50 -34.03 5.02
N TRP A 175 -5.87 -33.95 3.86
CA TRP A 175 -5.83 -32.68 3.12
C TRP A 175 -5.94 -32.90 1.62
N ILE A 176 -6.39 -31.87 0.92
CA ILE A 176 -6.54 -31.94 -0.52
C ILE A 176 -5.31 -31.39 -1.23
N GLU A 177 -5.25 -31.57 -2.55
CA GLU A 177 -4.13 -31.08 -3.34
C GLU A 177 -4.27 -31.35 -4.83
N ASP A 178 -4.89 -30.41 -5.53
CA ASP A 178 -5.07 -30.52 -6.97
C ASP A 178 -4.01 -29.67 -7.66
N GLU A 179 -2.90 -30.31 -8.03
CA GLU A 179 -1.78 -29.67 -8.70
C GLU A 179 -2.16 -28.71 -9.82
N SER A 180 -3.24 -29.01 -10.54
CA SER A 180 -3.71 -28.19 -11.66
C SER A 180 -2.60 -28.01 -12.70
N ASN A 181 -2.14 -29.14 -13.25
CA ASN A 181 -1.07 -29.19 -14.24
C ASN A 181 -1.05 -28.07 -15.27
N GLN A 182 -2.12 -27.97 -16.05
CA GLN A 182 -2.21 -26.96 -17.12
C GLN A 182 -2.09 -25.50 -16.74
N ASP A 183 -1.75 -25.22 -15.48
CA ASP A 183 -1.56 -23.85 -15.05
C ASP A 183 -0.07 -23.54 -15.18
N ASP A 184 0.60 -24.43 -15.90
CA ASP A 184 2.04 -24.33 -16.14
C ASP A 184 2.45 -23.06 -16.91
N SER A 185 1.47 -22.33 -17.42
CA SER A 185 1.75 -21.10 -18.17
C SER A 185 1.73 -19.92 -17.22
N TYR A 186 1.63 -20.22 -15.93
CA TYR A 186 1.61 -19.20 -14.89
C TYR A 186 2.82 -19.39 -13.99
N ASP A 187 3.85 -18.59 -14.28
CA ASP A 187 5.14 -18.57 -13.60
C ASP A 187 5.39 -19.44 -12.36
N ARG A 188 4.68 -19.15 -11.26
CA ARG A 188 4.92 -19.90 -10.04
C ARG A 188 4.61 -21.40 -10.13
N ASN A 189 3.82 -21.79 -11.14
CA ASN A 189 3.49 -23.20 -11.33
C ASN A 189 4.59 -23.88 -12.13
N PHE A 190 5.04 -23.20 -13.17
CA PHE A 190 6.10 -23.68 -14.05
C PHE A 190 7.38 -23.97 -13.26
N LEU A 191 7.50 -23.36 -12.09
CA LEU A 191 8.66 -23.54 -11.23
C LEU A 191 8.55 -24.78 -10.37
N ARG A 192 7.58 -24.79 -9.46
CA ARG A 192 7.38 -25.92 -8.56
C ARG A 192 7.34 -27.27 -9.26
N LEU A 193 6.79 -27.30 -10.46
CA LEU A 193 6.68 -28.55 -11.21
C LEU A 193 7.82 -28.90 -12.17
N ARG A 194 8.33 -27.91 -12.89
CA ARG A 194 9.40 -28.18 -13.86
C ARG A 194 10.81 -27.79 -13.42
N VAL A 195 11.05 -26.51 -13.24
CA VAL A 195 12.37 -26.02 -12.85
C VAL A 195 12.85 -26.54 -11.49
N VAL A 196 12.21 -26.10 -10.41
CA VAL A 196 12.61 -26.51 -9.07
C VAL A 196 12.92 -28.00 -8.93
N PRO A 197 11.98 -28.87 -9.33
CA PRO A 197 12.24 -30.31 -9.22
C PRO A 197 13.48 -30.70 -9.99
N LEU A 198 13.58 -30.20 -11.21
CA LEU A 198 14.72 -30.47 -12.06
C LEU A 198 16.00 -30.11 -11.30
N LEU A 199 15.90 -29.09 -10.47
CA LEU A 199 17.03 -28.63 -9.68
C LEU A 199 17.26 -29.55 -8.49
N GLN A 200 16.18 -29.90 -7.79
CA GLN A 200 16.28 -30.76 -6.62
C GLN A 200 16.85 -32.12 -6.99
N GLN A 201 16.92 -32.41 -8.29
CA GLN A 201 17.47 -33.68 -8.76
C GLN A 201 18.94 -33.77 -8.38
N ARG A 202 19.77 -32.94 -9.02
CA ARG A 202 21.21 -32.94 -8.75
C ARG A 202 21.50 -32.19 -7.46
N TRP A 203 20.54 -31.37 -7.03
CA TRP A 203 20.67 -30.61 -5.79
C TRP A 203 19.38 -30.77 -4.99
N PRO A 204 19.30 -31.86 -4.21
CA PRO A 204 18.12 -32.18 -3.39
C PRO A 204 17.68 -31.09 -2.41
N HIS A 205 18.63 -30.28 -1.96
CA HIS A 205 18.30 -29.22 -1.02
C HIS A 205 18.42 -27.83 -1.65
N PHE A 206 18.20 -27.75 -2.95
CA PHE A 206 18.30 -26.47 -3.63
C PHE A 206 17.43 -25.41 -2.99
N ALA A 207 16.17 -25.74 -2.74
CA ALA A 207 15.26 -24.78 -2.14
C ALA A 207 15.72 -24.29 -0.77
N GLU A 208 16.49 -25.11 -0.07
CA GLU A 208 16.99 -24.74 1.24
C GLU A 208 18.13 -23.74 1.09
N ALA A 209 18.97 -23.96 0.09
CA ALA A 209 20.09 -23.07 -0.18
C ALA A 209 19.61 -21.68 -0.57
N THR A 210 18.48 -21.64 -1.28
CA THR A 210 17.91 -20.38 -1.75
C THR A 210 17.38 -19.51 -0.63
N ALA A 211 16.78 -20.13 0.38
CA ALA A 211 16.26 -19.39 1.52
C ALA A 211 17.46 -18.81 2.25
N ARG A 212 18.55 -19.58 2.22
CA ARG A 212 19.79 -19.17 2.86
C ARG A 212 20.26 -17.91 2.17
N SER A 213 20.28 -17.90 0.84
CA SER A 213 20.70 -16.72 0.11
C SER A 213 19.75 -15.57 0.39
N ALA A 214 18.45 -15.83 0.33
CA ALA A 214 17.48 -14.78 0.59
C ALA A 214 17.82 -14.16 1.93
N ALA A 215 18.00 -15.02 2.93
CA ALA A 215 18.30 -14.55 4.28
C ALA A 215 19.54 -13.70 4.34
N LEU A 216 20.56 -14.06 3.58
CA LEU A 216 21.80 -13.29 3.58
C LEU A 216 21.63 -11.93 2.93
N CYS A 217 20.80 -11.87 1.89
CA CYS A 217 20.55 -10.61 1.22
C CYS A 217 19.87 -9.71 2.22
N ALA A 218 18.93 -10.27 2.96
CA ALA A 218 18.21 -9.50 3.96
C ALA A 218 19.18 -8.98 5.03
N GLU A 219 20.06 -9.84 5.54
CA GLU A 219 21.00 -9.40 6.55
C GLU A 219 21.81 -8.20 6.07
N GLN A 220 22.19 -8.21 4.80
CA GLN A 220 22.97 -7.11 4.26
C GLN A 220 22.16 -5.83 4.15
N GLU A 221 20.89 -5.95 3.73
CA GLU A 221 20.05 -4.76 3.59
C GLU A 221 19.85 -4.14 4.96
N SER A 222 19.79 -4.98 6.00
CA SER A 222 19.60 -4.44 7.33
C SER A 222 20.91 -3.84 7.79
N LEU A 223 22.02 -4.38 7.29
CA LEU A 223 23.33 -3.85 7.65
C LEU A 223 23.36 -2.42 7.11
N LEU A 224 22.93 -2.24 5.87
CA LEU A 224 22.89 -0.92 5.29
C LEU A 224 21.93 -0.06 6.07
N ASP A 225 20.80 -0.63 6.50
CA ASP A 225 19.82 0.13 7.28
C ASP A 225 20.55 0.78 8.46
N GLU A 226 21.35 -0.03 9.13
CA GLU A 226 22.12 0.45 10.27
C GLU A 226 23.05 1.53 9.77
N LEU A 227 23.92 1.16 8.85
CA LEU A 227 24.91 2.07 8.29
C LEU A 227 24.41 3.37 7.70
N LEU A 228 23.17 3.40 7.22
CA LEU A 228 22.64 4.62 6.62
C LEU A 228 21.76 5.46 7.53
N ALA A 229 21.34 4.88 8.67
CA ALA A 229 20.49 5.55 9.64
C ALA A 229 20.70 7.07 9.73
N ASP A 230 21.90 7.49 10.08
CA ASP A 230 22.17 8.92 10.19
C ASP A 230 21.83 9.64 8.88
N ASP A 231 22.41 9.19 7.78
CA ASP A 231 22.16 9.80 6.49
C ASP A 231 20.66 9.96 6.26
N LEU A 232 19.91 8.92 6.64
CA LEU A 232 18.48 8.96 6.45
C LEU A 232 17.85 10.00 7.37
N ALA A 233 18.22 9.98 8.64
CA ALA A 233 17.67 10.92 9.61
C ALA A 233 17.85 12.36 9.13
N HIS A 234 19.06 12.67 8.67
CA HIS A 234 19.39 14.00 8.20
C HIS A 234 18.63 14.42 6.96
N CYS A 235 18.62 13.57 5.93
CA CYS A 235 17.93 13.92 4.69
C CYS A 235 16.41 13.82 4.72
N GLN A 236 15.89 13.07 5.69
CA GLN A 236 14.46 12.86 5.80
C GLN A 236 13.89 13.91 6.73
N SER A 237 12.96 14.72 6.20
CA SER A 237 12.34 15.77 6.97
C SER A 237 11.25 15.23 7.88
N PRO A 238 10.63 16.12 8.69
CA PRO A 238 9.57 15.67 9.57
C PRO A 238 8.30 15.46 8.75
N GLN A 239 8.14 16.29 7.73
CA GLN A 239 6.98 16.24 6.83
C GLN A 239 6.87 14.90 6.12
N GLY A 240 8.02 14.32 5.78
CA GLY A 240 8.01 13.04 5.08
C GLY A 240 8.56 13.17 3.69
N THR A 241 9.41 14.17 3.49
CA THR A 241 10.05 14.40 2.20
C THR A 241 11.54 14.12 2.36
N LEU A 242 12.26 14.23 1.26
CA LEU A 242 13.70 13.99 1.28
C LEU A 242 14.46 15.24 0.83
N GLN A 243 15.36 15.73 1.68
CA GLN A 243 16.16 16.91 1.38
C GLN A 243 17.15 16.60 0.26
N ILE A 244 17.08 17.35 -0.84
CA ILE A 244 17.99 17.12 -1.94
C ILE A 244 19.42 17.63 -1.69
N VAL A 245 19.55 18.86 -1.21
CA VAL A 245 20.87 19.44 -0.98
C VAL A 245 21.91 18.56 -0.27
N PRO A 246 21.54 17.89 0.83
CA PRO A 246 22.51 17.04 1.53
C PRO A 246 22.97 15.83 0.74
N MSE A 247 22.26 15.52 -0.34
CA MSE A 247 22.59 14.36 -1.16
C MSE A 247 23.40 14.68 -2.39
O MSE A 247 24.06 13.81 -2.94
CB MSE A 247 21.31 13.65 -1.56
CG MSE A 247 20.47 13.17 -0.39
SE MSE A 247 18.76 12.62 -1.04
CE MSE A 247 19.26 10.89 -1.74
N LEU A 248 23.31 15.92 -2.84
CA LEU A 248 24.04 16.36 -4.03
C LEU A 248 25.46 15.84 -4.08
N ALA A 249 26.08 15.72 -2.91
CA ALA A 249 27.47 15.28 -2.82
C ALA A 249 27.70 13.77 -2.78
N MSE A 250 26.69 13.01 -2.40
CA MSE A 250 26.79 11.56 -2.29
C MSE A 250 27.02 10.84 -3.59
O MSE A 250 26.93 11.42 -4.67
CB MSE A 250 25.56 11.02 -1.62
CG MSE A 250 25.22 11.72 -0.34
SE MSE A 250 23.64 10.93 0.38
CE MSE A 250 23.89 11.46 2.23
N SER A 251 27.29 9.54 -3.47
CA SER A 251 27.51 8.70 -4.63
C SER A 251 26.21 8.08 -5.06
N ASP A 252 26.16 7.65 -6.32
CA ASP A 252 24.96 7.04 -6.87
C ASP A 252 24.35 5.93 -6.00
N ALA A 253 25.17 5.00 -5.54
CA ALA A 253 24.66 3.90 -4.72
C ALA A 253 24.12 4.42 -3.41
N ARG A 254 24.84 5.35 -2.80
CA ARG A 254 24.40 5.93 -1.54
C ARG A 254 23.00 6.47 -1.78
N ARG A 255 22.90 7.45 -2.66
CA ARG A 255 21.63 8.06 -2.98
C ARG A 255 20.51 7.02 -3.19
N ALA A 256 20.72 6.10 -4.12
CA ALA A 256 19.71 5.07 -4.39
C ALA A 256 19.28 4.32 -3.15
N ALA A 257 20.24 3.89 -2.33
CA ALA A 257 19.89 3.15 -1.13
C ALA A 257 19.01 3.99 -0.20
N ILE A 258 19.26 5.29 -0.20
CA ILE A 258 18.50 6.23 0.63
C ILE A 258 17.13 6.44 0.01
N ILE A 259 17.10 6.87 -1.25
CA ILE A 259 15.83 7.07 -1.93
C ILE A 259 14.96 5.83 -1.75
N ARG A 260 15.61 4.67 -1.85
CA ARG A 260 14.94 3.39 -1.71
C ARG A 260 14.33 3.28 -0.31
N ARG A 261 15.15 3.43 0.70
CA ARG A 261 14.69 3.35 2.08
C ARG A 261 13.63 4.41 2.39
N TRP A 262 13.77 5.58 1.78
CA TRP A 262 12.80 6.67 1.99
C TRP A 262 11.45 6.26 1.43
N LEU A 263 11.44 5.76 0.19
CA LEU A 263 10.21 5.32 -0.46
C LEU A 263 9.55 4.21 0.33
N ALA A 264 10.35 3.41 1.02
CA ALA A 264 9.82 2.32 1.82
C ALA A 264 9.04 2.92 2.97
N GLY A 265 9.55 4.03 3.50
CA GLY A 265 8.90 4.71 4.62
C GLY A 265 7.49 5.17 4.31
N GLN A 266 7.27 5.64 3.08
CA GLN A 266 5.93 6.09 2.68
C GLN A 266 5.13 4.82 2.38
N ASN A 267 5.72 3.66 2.69
CA ASN A 267 5.09 2.36 2.43
C ASN A 267 4.70 2.36 0.98
N ALA A 268 5.66 2.66 0.13
CA ALA A 268 5.45 2.72 -1.31
C ALA A 268 5.85 1.41 -1.97
N PRO A 269 5.39 1.18 -3.21
CA PRO A 269 5.76 -0.06 -3.90
C PRO A 269 7.24 -0.02 -4.23
N MSE A 270 7.92 -1.12 -3.97
CA MSE A 270 9.34 -1.23 -4.23
C MSE A 270 9.67 -0.73 -5.64
O MSE A 270 9.06 -1.17 -6.62
CB MSE A 270 9.75 -2.70 -4.07
CG MSE A 270 11.23 -2.92 -3.82
SE MSE A 270 11.56 -4.81 -3.60
CE MSE A 270 11.85 -5.25 -5.47
N PRO A 271 10.61 0.21 -5.75
CA PRO A 271 10.99 0.78 -7.05
C PRO A 271 12.04 -0.04 -7.78
N SER A 272 12.07 0.11 -9.10
CA SER A 272 13.03 -0.58 -9.93
C SER A 272 14.33 0.21 -9.80
N ARG A 273 15.45 -0.49 -9.79
CA ARG A 273 16.75 0.17 -9.67
C ARG A 273 16.91 1.31 -10.67
N ASP A 274 16.28 1.19 -11.83
CA ASP A 274 16.38 2.24 -12.83
C ASP A 274 15.45 3.38 -12.45
N ALA A 275 14.34 3.03 -11.80
CA ALA A 275 13.40 4.04 -11.34
C ALA A 275 14.20 4.95 -10.41
N LEU A 276 14.93 4.34 -9.48
CA LEU A 276 15.76 5.09 -8.54
C LEU A 276 16.71 6.01 -9.31
N VAL A 277 17.21 5.55 -10.44
CA VAL A 277 18.12 6.35 -11.24
C VAL A 277 17.40 7.56 -11.83
N ARG A 278 16.23 7.33 -12.41
CA ARG A 278 15.45 8.39 -13.03
C ARG A 278 15.05 9.46 -12.02
N ILE A 279 14.56 9.01 -10.88
CA ILE A 279 14.13 9.91 -9.82
C ILE A 279 15.17 10.99 -9.56
N TRP A 280 16.42 10.59 -9.39
CA TRP A 280 17.48 11.56 -9.12
C TRP A 280 17.89 12.40 -10.33
N GLN A 281 18.12 11.74 -11.47
CA GLN A 281 18.53 12.44 -12.67
C GLN A 281 17.46 13.33 -13.30
N GLU A 282 16.21 12.88 -13.26
CA GLU A 282 15.11 13.61 -13.89
C GLU A 282 14.24 14.45 -12.95
N VAL A 283 14.35 14.23 -11.65
CA VAL A 283 13.53 14.98 -10.72
C VAL A 283 14.37 15.88 -9.81
N ALA A 284 15.17 15.25 -8.97
CA ALA A 284 16.02 15.95 -8.02
C ALA A 284 16.91 16.98 -8.71
N LEU A 285 17.53 16.57 -9.82
CA LEU A 285 18.41 17.47 -10.57
C LEU A 285 17.67 18.29 -11.62
N ALA A 286 16.34 18.22 -11.62
CA ALA A 286 15.54 18.98 -12.56
C ALA A 286 15.27 20.34 -11.93
N ARG A 287 15.00 21.33 -12.78
CA ARG A 287 14.72 22.70 -12.36
C ARG A 287 13.32 22.81 -11.74
N GLU A 288 13.22 23.31 -10.52
CA GLU A 288 11.89 23.45 -9.90
C GLU A 288 10.99 24.33 -10.75
N ASP A 289 11.62 25.24 -11.48
CA ASP A 289 10.92 26.16 -12.38
C ASP A 289 10.07 25.35 -13.36
N ALA A 290 10.63 24.25 -13.84
CA ALA A 290 9.98 23.37 -14.82
C ALA A 290 9.15 22.23 -14.25
N SER A 291 8.62 22.39 -13.04
CA SER A 291 7.79 21.36 -12.41
C SER A 291 8.20 19.92 -12.77
N PRO A 292 9.15 19.35 -12.02
CA PRO A 292 9.63 17.98 -12.24
C PRO A 292 8.62 16.94 -11.74
N CYS A 293 8.45 15.85 -12.50
CA CYS A 293 7.50 14.82 -12.11
C CYS A 293 7.73 13.46 -12.75
N LEU A 294 7.86 12.43 -11.91
CA LEU A 294 8.05 11.05 -12.36
C LEU A 294 6.87 10.22 -11.88
N ARG A 295 6.05 9.78 -12.83
CA ARG A 295 4.87 8.98 -12.53
C ARG A 295 5.26 7.53 -12.23
N LEU A 296 4.87 7.05 -11.06
CA LEU A 296 5.16 5.70 -10.65
C LEU A 296 3.83 5.08 -10.23
N GLY A 297 3.02 4.73 -11.23
CA GLY A 297 1.73 4.15 -10.93
C GLY A 297 0.75 5.25 -10.56
N ALA A 298 -0.09 4.96 -9.57
CA ALA A 298 -1.09 5.91 -9.11
C ALA A 298 -0.41 7.05 -8.38
N PHE A 299 0.85 6.82 -8.01
CA PHE A 299 1.64 7.80 -7.29
C PHE A 299 2.66 8.50 -8.16
N GLU A 300 3.18 9.61 -7.64
CA GLU A 300 4.20 10.36 -8.35
C GLU A 300 5.14 11.05 -7.36
N ILE A 301 6.41 11.12 -7.76
CA ILE A 301 7.45 11.75 -6.95
C ILE A 301 7.78 13.02 -7.68
N ARG A 302 7.95 14.11 -6.94
CA ARG A 302 8.28 15.37 -7.60
C ARG A 302 9.16 16.25 -6.74
N ARG A 303 9.60 17.37 -7.31
CA ARG A 303 10.46 18.29 -6.58
C ARG A 303 9.80 19.62 -6.25
N TYR A 304 9.95 20.02 -4.99
CA TYR A 304 9.44 21.30 -4.50
C TYR A 304 10.21 21.67 -3.25
N GLN A 305 10.71 22.91 -3.24
CA GLN A 305 11.48 23.44 -2.14
C GLN A 305 12.71 22.59 -1.84
N SER A 306 13.41 22.20 -2.91
CA SER A 306 14.62 21.41 -2.79
C SER A 306 14.36 20.15 -1.99
N GLN A 307 13.25 19.51 -2.31
CA GLN A 307 12.84 18.29 -1.63
C GLN A 307 12.10 17.39 -2.59
N LEU A 308 12.18 16.10 -2.33
CA LEU A 308 11.48 15.13 -3.16
C LEU A 308 10.23 14.74 -2.38
N TRP A 309 9.10 14.70 -3.06
CA TRP A 309 7.82 14.37 -2.43
C TRP A 309 7.18 13.13 -3.03
N TRP A 310 6.67 12.26 -2.17
CA TRP A 310 5.97 11.07 -2.63
C TRP A 310 4.51 11.40 -2.38
N ILE A 311 3.76 11.59 -3.44
CA ILE A 311 2.35 11.93 -3.28
C ILE A 311 1.42 11.21 -4.22
N LYS A 312 0.17 11.05 -3.77
CA LYS A 312 -0.88 10.39 -4.53
C LYS A 312 -1.29 11.23 -5.71
N SER A 313 -0.91 10.80 -6.90
CA SER A 313 -1.25 11.52 -8.12
C SER A 313 -2.72 11.94 -8.09
N VAL A 314 -3.00 13.06 -8.76
CA VAL A 314 -4.35 13.62 -8.84
C VAL A 314 -4.41 14.50 -10.07
N THR A 315 -5.44 14.32 -10.87
CA THR A 315 -5.59 15.11 -12.08
C THR A 315 -5.98 16.54 -11.84
N GLY A 316 -5.36 17.42 -12.61
CA GLY A 316 -5.64 18.85 -12.52
C GLY A 316 -7.09 19.19 -12.66
N GLN A 317 -7.43 20.45 -12.42
CA GLN A 317 -8.82 20.89 -12.47
C GLN A 317 -8.90 22.39 -12.81
N SER A 318 -7.80 22.96 -13.26
CA SER A 318 -7.74 24.39 -13.60
C SER A 318 -8.81 24.83 -14.59
N GLU A 319 -9.21 23.91 -15.47
CA GLU A 319 -10.22 24.20 -16.47
C GLU A 319 -11.63 23.90 -15.98
N ASN A 320 -11.76 23.26 -14.83
CA ASN A 320 -13.07 22.92 -14.31
C ASN A 320 -13.72 24.04 -13.52
N ILE A 321 -15.05 24.05 -13.57
CA ILE A 321 -15.89 25.03 -12.87
C ILE A 321 -17.15 24.28 -12.46
N VAL A 322 -17.23 23.92 -11.19
CA VAL A 322 -18.38 23.19 -10.67
C VAL A 322 -19.30 24.15 -9.92
N PRO A 323 -20.47 24.46 -10.54
CA PRO A 323 -21.50 25.36 -10.00
C PRO A 323 -22.09 24.84 -8.71
N TRP A 324 -22.51 25.77 -7.86
CA TRP A 324 -23.07 25.46 -6.54
C TRP A 324 -24.41 26.15 -6.42
N GLN A 325 -25.43 25.60 -7.08
CA GLN A 325 -26.77 26.20 -7.05
C GLN A 325 -27.37 26.12 -5.65
N THR A 326 -27.10 25.02 -4.96
CA THR A 326 -27.63 24.82 -3.61
C THR A 326 -26.49 24.85 -2.61
N TRP A 327 -25.82 26.00 -2.47
CA TRP A 327 -24.71 26.14 -1.53
C TRP A 327 -25.14 25.96 -0.08
N LEU A 328 -26.42 25.76 0.16
CA LEU A 328 -26.90 25.55 1.52
C LEU A 328 -26.54 24.09 1.88
N GLN A 329 -26.34 23.28 0.84
CA GLN A 329 -25.98 21.87 0.98
C GLN A 329 -24.54 21.65 0.47
N PRO A 330 -23.82 20.66 1.03
CA PRO A 330 -22.44 20.40 0.58
C PRO A 330 -22.34 20.15 -0.92
N LEU A 331 -21.18 20.46 -1.50
CA LEU A 331 -20.95 20.25 -2.92
C LEU A 331 -19.86 19.20 -3.14
N GLU A 332 -20.21 18.11 -3.81
CA GLU A 332 -19.25 17.05 -4.08
C GLU A 332 -18.27 17.53 -5.16
N LEU A 333 -16.98 17.44 -4.89
CA LEU A 333 -15.97 17.89 -5.85
C LEU A 333 -15.52 16.78 -6.81
N PRO A 334 -15.01 17.17 -7.98
CA PRO A 334 -14.56 16.21 -8.98
C PRO A 334 -13.30 15.44 -8.53
N ALA A 335 -12.87 14.49 -9.35
CA ALA A 335 -11.69 13.68 -9.10
C ALA A 335 -11.46 13.41 -7.61
N GLY A 336 -12.47 12.84 -6.96
CA GLY A 336 -12.38 12.52 -5.55
C GLY A 336 -11.65 13.50 -4.66
N LEU A 337 -11.84 14.79 -4.90
CA LEU A 337 -11.19 15.82 -4.10
C LEU A 337 -11.90 16.06 -2.78
N GLY A 338 -13.05 15.41 -2.60
CA GLY A 338 -13.83 15.55 -1.38
C GLY A 338 -15.05 16.44 -1.56
N SER A 339 -15.65 16.85 -0.45
CA SER A 339 -16.82 17.74 -0.52
C SER A 339 -16.39 19.11 -0.01
N VAL A 340 -17.28 20.09 -0.10
CA VAL A 340 -16.98 21.44 0.34
C VAL A 340 -18.29 22.04 0.87
N GLN A 341 -18.23 22.93 1.86
CA GLN A 341 -19.46 23.54 2.39
C GLN A 341 -19.29 24.88 3.14
N LEU A 342 -20.36 25.66 3.20
CA LEU A 342 -20.32 26.96 3.88
C LEU A 342 -21.03 26.89 5.23
N ASN A 343 -20.26 26.89 6.32
CA ASN A 343 -20.86 26.82 7.64
C ASN A 343 -20.99 28.21 8.24
N ALA A 344 -22.06 28.43 9.01
CA ALA A 344 -22.26 29.71 9.64
C ALA A 344 -21.14 29.96 10.66
N GLY A 345 -20.60 31.16 10.69
CA GLY A 345 -19.51 31.47 11.61
C GLY A 345 -18.15 31.44 10.93
N GLY A 346 -17.62 32.61 10.58
CA GLY A 346 -16.34 32.66 9.92
C GLY A 346 -16.09 34.03 9.33
N ASP A 347 -14.86 34.29 8.91
CA ASP A 347 -14.50 35.58 8.34
C ASP A 347 -14.83 35.82 6.87
N ILE A 348 -15.63 34.95 6.26
CA ILE A 348 -16.00 35.12 4.86
C ILE A 348 -17.45 35.59 4.74
N ARG A 349 -17.69 36.58 3.90
CA ARG A 349 -19.05 37.10 3.73
C ARG A 349 -19.95 36.08 3.00
N PRO A 350 -21.18 35.87 3.52
CA PRO A 350 -22.12 34.92 2.91
C PRO A 350 -22.50 35.36 1.51
N PRO A 351 -23.07 34.44 0.72
CA PRO A 351 -23.47 34.80 -0.64
C PRO A 351 -24.93 35.25 -0.62
N ARG A 352 -25.30 36.14 -1.52
CA ARG A 352 -26.68 36.58 -1.60
C ARG A 352 -27.41 35.53 -2.41
N ALA A 353 -28.68 35.30 -2.09
CA ALA A 353 -29.48 34.31 -2.81
C ALA A 353 -29.69 34.76 -4.25
N ASP A 354 -29.18 35.95 -4.56
CA ASP A 354 -29.31 36.49 -5.91
C ASP A 354 -28.04 36.28 -6.76
N GLU A 355 -26.92 35.92 -6.14
CA GLU A 355 -25.68 35.71 -6.91
C GLU A 355 -25.37 34.25 -7.14
N ALA A 356 -24.62 33.97 -8.21
CA ALA A 356 -24.27 32.61 -8.58
C ALA A 356 -22.94 32.13 -8.00
N VAL A 357 -23.06 31.23 -7.02
CA VAL A 357 -21.92 30.67 -6.34
C VAL A 357 -21.34 29.48 -7.13
N SER A 358 -20.02 29.35 -7.14
CA SER A 358 -19.38 28.25 -7.85
C SER A 358 -18.03 27.94 -7.24
N VAL A 359 -17.49 26.76 -7.59
CA VAL A 359 -16.18 26.35 -7.13
C VAL A 359 -15.28 26.19 -8.35
N ARG A 360 -14.09 26.74 -8.26
CA ARG A 360 -13.17 26.68 -9.38
C ARG A 360 -11.77 26.35 -8.88
N PHE A 361 -10.80 26.33 -9.79
CA PHE A 361 -9.42 26.01 -9.43
C PHE A 361 -8.44 26.92 -10.15
N LYS A 362 -8.94 28.06 -10.61
CA LYS A 362 -8.13 29.05 -11.31
C LYS A 362 -8.72 30.42 -10.98
N ALA A 363 -7.95 31.48 -11.18
CA ALA A 363 -8.43 32.82 -10.86
C ALA A 363 -7.51 33.87 -11.47
N PRO A 364 -7.97 34.54 -12.54
CA PRO A 364 -7.29 35.58 -13.29
C PRO A 364 -7.08 36.93 -12.63
N GLY A 365 -6.10 37.68 -13.13
CA GLY A 365 -5.81 39.01 -12.64
C GLY A 365 -5.06 39.15 -11.34
N LEU A 366 -4.81 40.41 -10.95
CA LEU A 366 -4.13 40.72 -9.70
C LEU A 366 -5.12 40.40 -8.60
N LEU A 367 -4.65 39.75 -7.55
CA LEU A 367 -5.54 39.41 -6.45
C LEU A 367 -5.05 40.00 -5.14
N HIS A 368 -6.00 40.47 -4.35
CA HIS A 368 -5.68 41.05 -3.06
C HIS A 368 -6.17 40.12 -1.97
N ILE A 369 -5.30 39.85 -1.01
CA ILE A 369 -5.63 38.93 0.07
C ILE A 369 -5.48 39.57 1.43
N VAL A 370 -6.12 38.95 2.43
CA VAL A 370 -6.05 39.41 3.80
C VAL A 370 -4.68 39.12 4.38
N GLY A 371 -4.04 40.16 4.92
CA GLY A 371 -2.71 39.96 5.50
C GLY A 371 -1.57 40.36 4.60
N ARG A 372 -1.91 40.96 3.45
CA ARG A 372 -0.94 41.41 2.49
C ARG A 372 -1.45 42.67 1.84
N ASN A 373 -0.59 43.67 1.77
CA ASN A 373 -0.94 44.96 1.17
C ASN A 373 -0.30 45.00 -0.21
N GLY A 374 -1.06 44.63 -1.25
CA GLY A 374 -0.49 44.64 -2.58
C GLY A 374 -1.39 44.20 -3.72
N GLY A 375 -1.27 42.93 -4.11
CA GLY A 375 -2.08 42.43 -5.21
C GLY A 375 -1.25 41.77 -6.30
N ARG A 376 -1.01 40.48 -6.15
CA ARG A 376 -0.22 39.73 -7.12
C ARG A 376 -1.09 38.65 -7.77
N LYS A 377 -0.49 37.90 -8.68
CA LYS A 377 -1.24 36.86 -9.36
C LYS A 377 -1.36 35.58 -8.53
N LEU A 378 -2.39 34.81 -8.82
CA LEU A 378 -2.66 33.56 -8.11
C LEU A 378 -1.35 32.78 -7.94
N LYS A 379 -0.67 32.53 -9.06
CA LYS A 379 0.58 31.79 -9.03
C LYS A 379 1.62 32.38 -8.07
N LYS A 380 1.67 33.72 -8.00
CA LYS A 380 2.63 34.36 -7.10
C LYS A 380 2.17 34.12 -5.66
N ILE A 381 0.87 34.26 -5.42
CA ILE A 381 0.32 34.05 -4.09
C ILE A 381 0.55 32.61 -3.66
N TRP A 382 0.29 31.67 -4.57
CA TRP A 382 0.50 30.24 -4.29
C TRP A 382 1.92 30.08 -3.79
N GLN A 383 2.88 30.58 -4.57
CA GLN A 383 4.29 30.49 -4.22
C GLN A 383 4.64 31.12 -2.87
N GLU A 384 4.24 32.37 -2.69
CA GLU A 384 4.54 33.05 -1.43
C GLU A 384 4.00 32.29 -0.22
N LEU A 385 2.85 31.64 -0.39
CA LEU A 385 2.24 30.88 0.70
C LEU A 385 2.75 29.45 0.82
N GLY A 386 3.60 29.04 -0.13
CA GLY A 386 4.16 27.70 -0.09
C GLY A 386 3.28 26.54 -0.55
N VAL A 387 2.24 26.84 -1.30
CA VAL A 387 1.35 25.80 -1.79
C VAL A 387 2.05 25.04 -2.92
N PRO A 388 2.28 23.73 -2.74
CA PRO A 388 2.93 22.88 -3.73
C PRO A 388 2.19 22.90 -5.07
N PRO A 389 2.94 22.87 -6.18
CA PRO A 389 2.37 22.89 -7.53
C PRO A 389 1.24 21.89 -7.82
N TRP A 390 1.34 20.68 -7.29
CA TRP A 390 0.30 19.69 -7.56
C TRP A 390 -1.00 20.04 -6.87
N LEU A 391 -0.94 21.02 -5.96
CA LEU A 391 -2.12 21.45 -5.24
C LEU A 391 -2.68 22.80 -5.73
N ARG A 392 -1.95 23.43 -6.65
CA ARG A 392 -2.33 24.73 -7.17
C ARG A 392 -3.49 24.69 -8.13
N ASP A 393 -3.87 23.48 -8.52
CA ASP A 393 -4.98 23.33 -9.43
C ASP A 393 -5.90 22.25 -8.92
N THR A 394 -5.79 21.94 -7.64
CA THR A 394 -6.64 20.94 -7.03
C THR A 394 -7.21 21.45 -5.71
N THR A 395 -7.06 22.77 -5.49
CA THR A 395 -7.57 23.41 -4.26
C THR A 395 -8.83 24.22 -4.55
N PRO A 396 -9.94 23.92 -3.85
CA PRO A 396 -11.19 24.67 -4.08
C PRO A 396 -11.05 26.17 -3.96
N LEU A 397 -11.65 26.88 -4.91
CA LEU A 397 -11.65 28.34 -4.95
C LEU A 397 -13.10 28.82 -4.97
N LEU A 398 -13.51 29.58 -3.95
CA LEU A 398 -14.88 30.08 -3.86
C LEU A 398 -15.11 31.24 -4.81
N PHE A 399 -16.15 31.16 -5.64
CA PHE A 399 -16.47 32.25 -6.55
C PHE A 399 -17.93 32.64 -6.50
N TYR A 400 -18.18 33.92 -6.22
CA TYR A 400 -19.53 34.49 -6.21
C TYR A 400 -19.53 35.22 -7.54
N GLY A 401 -20.28 34.72 -8.51
CA GLY A 401 -20.25 35.36 -9.82
C GLY A 401 -18.84 35.18 -10.37
N GLU A 402 -18.15 36.26 -10.70
CA GLU A 402 -16.80 36.17 -11.23
C GLU A 402 -15.74 36.62 -10.24
N THR A 403 -16.14 36.73 -8.97
CA THR A 403 -15.24 37.18 -7.92
C THR A 403 -14.67 36.05 -7.05
N LEU A 404 -13.39 36.15 -6.74
CA LEU A 404 -12.73 35.17 -5.91
C LEU A 404 -12.98 35.54 -4.45
N ILE A 405 -13.49 34.60 -3.67
CA ILE A 405 -13.77 34.87 -2.27
C ILE A 405 -12.70 34.27 -1.38
N ALA A 406 -12.32 33.01 -1.65
CA ALA A 406 -11.30 32.34 -0.86
C ALA A 406 -10.74 31.03 -1.44
N ALA A 407 -9.61 30.60 -0.90
CA ALA A 407 -8.96 29.36 -1.29
C ALA A 407 -8.97 28.49 -0.04
N ALA A 408 -9.81 27.45 -0.05
CA ALA A 408 -9.94 26.55 1.09
C ALA A 408 -8.64 26.29 1.85
N GLY A 409 -8.68 26.61 3.14
CA GLY A 409 -7.53 26.43 4.01
C GLY A 409 -6.26 27.19 3.66
N VAL A 410 -6.33 28.15 2.74
CA VAL A 410 -5.12 28.86 2.37
C VAL A 410 -5.25 30.39 2.55
N PHE A 411 -6.30 30.97 1.98
CA PHE A 411 -6.49 32.42 2.08
C PHE A 411 -7.90 32.90 1.76
N VAL A 412 -8.15 34.16 2.07
CA VAL A 412 -9.42 34.83 1.81
C VAL A 412 -9.11 36.14 1.11
N THR A 413 -9.78 36.42 0.01
CA THR A 413 -9.54 37.66 -0.70
C THR A 413 -10.10 38.81 0.13
N GLN A 414 -9.70 40.03 -0.19
CA GLN A 414 -10.18 41.19 0.54
C GLN A 414 -11.62 41.55 0.15
N GLU A 415 -11.99 41.27 -1.09
CA GLU A 415 -13.35 41.54 -1.53
C GLU A 415 -14.30 40.51 -0.90
N GLY A 416 -13.76 39.52 -0.21
CA GLY A 416 -14.60 38.48 0.37
C GLY A 416 -14.66 38.43 1.89
N VAL A 417 -14.00 39.38 2.56
CA VAL A 417 -13.99 39.44 4.01
C VAL A 417 -15.38 39.76 4.56
N ALA A 418 -15.72 39.17 5.70
CA ALA A 418 -17.03 39.40 6.31
C ALA A 418 -17.26 40.89 6.57
N GLU A 419 -18.33 41.43 5.97
CA GLU A 419 -18.68 42.84 6.12
C GLU A 419 -18.71 43.17 7.61
N GLY A 420 -19.67 42.58 8.33
CA GLY A 420 -19.76 42.80 9.77
C GLY A 420 -18.74 41.92 10.46
N GLU A 421 -19.20 40.97 11.25
CA GLU A 421 -18.31 40.05 11.95
C GLU A 421 -18.87 38.63 11.91
N ASN A 422 -20.15 38.52 11.52
CA ASN A 422 -20.81 37.23 11.42
C ASN A 422 -20.05 36.33 10.44
N GLY A 423 -20.36 36.44 9.15
CA GLY A 423 -19.69 35.65 8.13
C GLY A 423 -19.76 34.13 8.23
N VAL A 424 -19.22 33.46 7.22
CA VAL A 424 -19.21 32.01 7.15
C VAL A 424 -17.80 31.46 7.01
N SER A 425 -17.69 30.15 7.08
CA SER A 425 -16.43 29.44 6.92
C SER A 425 -16.52 28.48 5.73
N PHE A 426 -15.62 28.65 4.76
CA PHE A 426 -15.57 27.79 3.58
C PHE A 426 -14.73 26.59 4.02
N VAL A 427 -15.38 25.47 4.30
CA VAL A 427 -14.70 24.26 4.78
C VAL A 427 -14.56 23.12 3.76
N TRP A 428 -13.34 22.59 3.66
CA TRP A 428 -13.01 21.51 2.70
C TRP A 428 -12.83 20.15 3.37
N GLN A 429 -13.59 19.18 2.91
CA GLN A 429 -13.52 17.84 3.47
C GLN A 429 -13.04 16.85 2.41
N LYS A 430 -12.07 16.04 2.78
CA LYS A 430 -11.50 15.01 1.90
C LYS A 430 -11.87 13.63 2.46
N THR A 431 -12.21 12.71 1.56
CA THR A 431 -12.59 11.36 1.95
C THR A 431 -11.39 10.54 2.45
N LEU A 432 -11.69 9.47 3.19
CA LEU A 432 -10.67 8.59 3.77
C LEU A 432 -9.56 8.24 2.77
N SER A 433 -8.41 8.90 2.90
CA SER A 433 -7.27 8.68 2.03
C SER A 433 -7.61 8.83 0.53
#